data_9EWW
#
_entry.id   9EWW
#
_entity_poly.entity_id   1
_entity_poly.type   'polyribonucleotide'
_entity_poly.pdbx_seq_one_letter_code
;AUGGAGGAGCCGCAGUCAGAUCCUAGCGUCGAGCCCCCUCUGAGUCAGGAAACAUUUUCAGACCUAUGGAAACUACUUCC
UGAAAACAACGUUCUGUCCCCCUUGCCGUCCCAAGCAAUG
;
_entity_poly.pdbx_strand_id   A
#
loop_
_chem_comp.id
_chem_comp.type
_chem_comp.name
_chem_comp.formula
A RNA linking ADENOSINE-5'-MONOPHOSPHATE 'C10 H14 N5 O7 P'
C RNA linking CYTIDINE-5'-MONOPHOSPHATE 'C9 H14 N3 O8 P'
G RNA linking GUANOSINE-5'-MONOPHOSPHATE 'C10 H14 N5 O8 P'
U RNA linking URIDINE-5'-MONOPHOSPHATE 'C9 H13 N2 O9 P'
#